data_8BRB
#
_entry.id   8BRB
#
_cell.length_a   52.912
_cell.length_b   56.510
_cell.length_c   101.744
_cell.angle_alpha   90.00
_cell.angle_beta   94.11
_cell.angle_gamma   90.00
#
_symmetry.space_group_name_H-M   'P 1 21 1'
#
loop_
_entity.id
_entity.type
_entity.pdbx_description
1 polymer 'Polyester Hydrolase Leipzig 7 (PHL-7), catalysis-deficient S131A mutant'
2 non-polymer 'terephthalic acid'
3 non-polymer 'DIMETHYL SULFOXIDE'
4 water water
#
_entity_poly.entity_id   1
_entity_poly.type   'polypeptide(L)'
_entity_poly.pdbx_seq_one_letter_code
;MANPYERGPDPTESSIEAVRGPFAVAQTTVSRLQADGFGGGTIYYPTDTSQGTFGAVAISPGFTAGQESIAWLGPRIASQ
GFVVITIDTITRLDQPDSRGRQLQAALDHLRTNSVVRNRIDPNRMAVMGHAMGGGGALSAAANNTSLEAAIPLQGWHTRK
NWSSVRTPTLVVGAQLDTIAPVSSHSEAFYNSLPSDLDKAYMELRGASHLVSNTPDTTTAKYSIAWLKRFVDDDLRYEQF
LCPAPDDFAISEYRSTCPFLEHHHHHH
;
_entity_poly.pdbx_strand_id   A,B
#
loop_
_chem_comp.id
_chem_comp.type
_chem_comp.name
_chem_comp.formula
DMS non-polymer 'DIMETHYL SULFOXIDE' 'C2 H6 O S'
UB7 non-polymer 'terephthalic acid' 'C8 H6 O4'
#
# COMPACT_ATOMS: atom_id res chain seq x y z
N ALA A 2 8.47 -37.05 22.48
CA ALA A 2 7.67 -35.88 22.14
C ALA A 2 8.58 -34.73 21.67
N ASN A 3 7.99 -33.82 20.89
CA ASN A 3 8.72 -32.69 20.31
C ASN A 3 8.82 -31.56 21.33
N PRO A 4 10.02 -31.25 21.83
CA PRO A 4 10.13 -30.25 22.91
C PRO A 4 9.83 -28.83 22.47
N TYR A 5 9.69 -28.56 21.18
CA TYR A 5 9.45 -27.22 20.69
C TYR A 5 7.98 -26.89 20.49
N GLU A 6 7.08 -27.84 20.76
CA GLU A 6 5.65 -27.58 20.61
C GLU A 6 5.19 -26.55 21.64
N ARG A 7 4.46 -25.54 21.16
CA ARG A 7 3.90 -24.49 21.99
C ARG A 7 2.43 -24.31 21.64
N GLY A 8 1.61 -24.11 22.67
CA GLY A 8 0.20 -23.86 22.49
C GLY A 8 -0.64 -25.11 22.29
N PRO A 9 -1.95 -24.96 22.37
CA PRO A 9 -2.84 -26.12 22.17
C PRO A 9 -2.89 -26.53 20.70
N ASP A 10 -3.49 -27.69 20.46
CA ASP A 10 -3.59 -28.21 19.10
C ASP A 10 -4.34 -27.21 18.22
N PRO A 11 -3.89 -26.98 17.00
CA PRO A 11 -4.49 -25.94 16.16
C PRO A 11 -5.72 -26.40 15.40
N THR A 12 -6.47 -25.40 14.93
CA THR A 12 -7.59 -25.56 14.01
C THR A 12 -7.43 -24.50 12.92
N GLU A 13 -8.27 -24.57 11.88
CA GLU A 13 -8.26 -23.50 10.88
C GLU A 13 -8.52 -22.15 11.56
N SER A 14 -9.50 -22.11 12.46
CA SER A 14 -9.83 -20.86 13.13
CA SER A 14 -9.83 -20.86 13.14
C SER A 14 -8.68 -20.38 14.02
N SER A 15 -7.97 -21.31 14.67
CA SER A 15 -6.92 -20.91 15.59
CA SER A 15 -6.93 -20.89 15.60
C SER A 15 -5.77 -20.22 14.87
N ILE A 16 -5.46 -20.64 13.65
CA ILE A 16 -4.40 -20.00 12.89
C ILE A 16 -4.91 -18.78 12.14
N GLU A 17 -6.22 -18.61 12.02
CA GLU A 17 -6.78 -17.41 11.41
C GLU A 17 -6.97 -16.28 12.41
N ALA A 18 -6.84 -16.56 13.70
CA ALA A 18 -7.14 -15.59 14.73
C ALA A 18 -6.18 -14.42 14.69
N VAL A 19 -6.69 -13.22 14.97
CA VAL A 19 -5.84 -12.03 14.98
C VAL A 19 -4.81 -12.12 16.09
N ARG A 20 -5.16 -12.74 17.21
CA ARG A 20 -4.19 -13.02 18.28
C ARG A 20 -4.29 -14.49 18.67
N GLY A 21 -3.13 -15.13 18.78
CA GLY A 21 -3.05 -16.51 19.24
C GLY A 21 -3.20 -16.62 20.74
N PRO A 22 -2.79 -17.77 21.29
CA PRO A 22 -3.04 -18.03 22.72
C PRO A 22 -2.07 -17.34 23.66
N PHE A 23 -0.95 -16.83 23.15
CA PHE A 23 0.08 -16.19 23.97
C PHE A 23 -0.16 -14.69 24.03
N ALA A 24 -0.35 -14.17 25.24
CA ALA A 24 -0.27 -12.74 25.47
C ALA A 24 1.12 -12.26 25.07
N VAL A 25 1.20 -11.04 24.53
CA VAL A 25 2.47 -10.52 24.04
C VAL A 25 2.79 -9.17 24.66
N ALA A 26 4.08 -8.92 24.82
CA ALA A 26 4.63 -7.62 25.15
C ALA A 26 5.57 -7.19 24.04
N GLN A 27 6.06 -5.95 24.12
CA GLN A 27 6.95 -5.43 23.10
C GLN A 27 8.01 -4.53 23.72
N THR A 28 9.14 -4.43 23.01
CA THR A 28 10.25 -3.56 23.37
C THR A 28 10.81 -2.96 22.08
N THR A 29 11.34 -1.75 22.19
CA THR A 29 11.80 -1.00 21.03
C THR A 29 13.33 -0.98 20.97
N VAL A 30 13.87 -1.19 19.78
CA VAL A 30 15.28 -1.03 19.47
C VAL A 30 15.39 0.25 18.66
N SER A 31 16.00 1.29 19.24
CA SER A 31 16.13 2.53 18.50
C SER A 31 17.12 2.38 17.35
N ARG A 32 17.07 3.33 16.42
CA ARG A 32 18.04 3.36 15.32
C ARG A 32 19.47 3.44 15.85
N LEU A 33 19.71 4.21 16.90
CA LEU A 33 21.06 4.33 17.43
C LEU A 33 21.51 3.01 18.08
N GLN A 34 20.59 2.29 18.71
CA GLN A 34 20.94 1.03 19.35
C GLN A 34 21.16 -0.10 18.36
N ALA A 35 20.60 0.01 17.16
CA ALA A 35 20.62 -1.09 16.19
C ALA A 35 21.93 -1.09 15.41
N ASP A 36 22.68 -2.18 15.51
CA ASP A 36 23.92 -2.37 14.75
C ASP A 36 23.58 -3.06 13.43
N GLY A 37 23.66 -2.33 12.33
CA GLY A 37 23.46 -2.90 11.02
C GLY A 37 22.03 -2.98 10.54
N PHE A 38 21.10 -2.29 11.20
CA PHE A 38 19.74 -2.12 10.69
C PHE A 38 19.18 -0.84 11.29
N GLY A 39 17.95 -0.50 10.90
CA GLY A 39 17.43 0.82 11.22
C GLY A 39 16.60 0.90 12.49
N GLY A 40 16.77 -0.06 13.39
CA GLY A 40 15.90 -0.17 14.55
C GLY A 40 14.72 -1.08 14.26
N GLY A 41 13.92 -1.30 15.29
CA GLY A 41 12.73 -2.12 15.13
C GLY A 41 11.99 -2.28 16.43
N THR A 42 10.93 -3.08 16.37
CA THR A 42 10.10 -3.43 17.51
C THR A 42 10.13 -4.94 17.68
N ILE A 43 10.35 -5.40 18.91
CA ILE A 43 10.37 -6.82 19.22
C ILE A 43 9.09 -7.16 19.98
N TYR A 44 8.32 -8.09 19.42
CA TYR A 44 7.12 -8.65 20.04
C TYR A 44 7.44 -10.04 20.58
N TYR A 45 7.04 -10.31 21.83
CA TYR A 45 7.39 -11.59 22.43
C TYR A 45 6.29 -12.08 23.36
N PRO A 46 6.16 -13.40 23.53
CA PRO A 46 5.23 -13.92 24.54
C PRO A 46 5.70 -13.60 25.95
N THR A 47 4.74 -13.27 26.82
CA THR A 47 5.08 -13.03 28.22
C THR A 47 5.10 -14.33 29.04
N ASP A 48 4.38 -15.36 28.59
CA ASP A 48 4.35 -16.65 29.26
C ASP A 48 5.59 -17.45 28.90
N THR A 49 6.44 -17.71 29.90
CA THR A 49 7.67 -18.47 29.69
C THR A 49 7.53 -19.93 30.11
N SER A 50 6.37 -20.33 30.65
CA SER A 50 6.22 -21.62 31.30
C SER A 50 6.23 -22.80 30.34
N GLN A 51 6.16 -22.56 29.03
CA GLN A 51 6.22 -23.65 28.06
C GLN A 51 7.59 -23.78 27.41
N GLY A 52 8.52 -22.91 27.77
CA GLY A 52 9.86 -22.93 27.21
C GLY A 52 10.14 -21.70 26.37
N THR A 53 11.31 -21.71 25.75
CA THR A 53 11.72 -20.61 24.89
C THR A 53 11.11 -20.76 23.51
N PHE A 54 11.25 -19.70 22.70
CA PHE A 54 10.58 -19.57 21.43
C PHE A 54 11.57 -19.28 20.31
N GLY A 55 11.24 -19.77 19.12
CA GLY A 55 11.99 -19.38 17.93
C GLY A 55 11.80 -17.92 17.61
N ALA A 56 12.72 -17.39 16.82
CA ALA A 56 12.78 -15.96 16.52
C ALA A 56 12.62 -15.72 15.03
N VAL A 57 11.97 -14.62 14.69
CA VAL A 57 11.64 -14.27 13.31
C VAL A 57 11.93 -12.79 13.12
N ALA A 58 12.61 -12.45 12.03
CA ALA A 58 12.88 -11.07 11.64
C ALA A 58 12.13 -10.77 10.35
N ILE A 59 11.49 -9.60 10.27
CA ILE A 59 10.64 -9.23 9.14
C ILE A 59 11.05 -7.86 8.60
N SER A 60 11.25 -7.78 7.27
CA SER A 60 11.67 -6.54 6.62
C SER A 60 10.59 -5.97 5.71
N PRO A 61 10.42 -4.65 5.71
CA PRO A 61 9.57 -3.99 4.71
C PRO A 61 10.30 -3.88 3.37
N GLY A 62 9.60 -3.27 2.41
CA GLY A 62 10.11 -3.12 1.07
C GLY A 62 10.52 -1.69 0.72
N PHE A 63 10.75 -1.49 -0.57
CA PHE A 63 11.23 -0.22 -1.10
C PHE A 63 10.28 0.92 -0.75
N THR A 64 10.83 2.02 -0.24
CA THR A 64 10.04 3.20 0.14
C THR A 64 8.94 2.86 1.14
N ALA A 65 9.19 1.87 2.01
CA ALA A 65 8.26 1.49 3.06
C ALA A 65 8.99 1.37 4.39
N GLY A 66 8.29 1.73 5.47
CA GLY A 66 8.79 1.62 6.81
C GLY A 66 8.28 0.38 7.55
N GLN A 67 8.75 0.26 8.80
CA GLN A 67 8.29 -0.78 9.70
C GLN A 67 6.77 -0.79 9.84
N GLU A 68 6.12 0.37 9.79
CA GLU A 68 4.67 0.39 9.94
C GLU A 68 3.96 -0.43 8.87
N SER A 69 4.58 -0.61 7.69
CA SER A 69 3.92 -1.34 6.61
C SER A 69 3.87 -2.84 6.89
N ILE A 70 4.66 -3.33 7.85
CA ILE A 70 4.69 -4.74 8.22
C ILE A 70 4.37 -4.95 9.68
N ALA A 71 4.04 -3.89 10.43
CA ALA A 71 3.93 -3.99 11.87
C ALA A 71 2.87 -5.01 12.29
N TRP A 72 1.76 -5.10 11.55
CA TRP A 72 0.67 -5.95 11.98
C TRP A 72 1.10 -7.41 12.11
N LEU A 73 2.10 -7.82 11.32
CA LEU A 73 2.57 -9.21 11.39
C LEU A 73 3.23 -9.54 12.73
N GLY A 74 3.80 -8.54 13.39
CA GLY A 74 4.58 -8.77 14.58
C GLY A 74 3.80 -9.43 15.71
N PRO A 75 2.78 -8.74 16.23
CA PRO A 75 2.02 -9.35 17.34
C PRO A 75 1.16 -10.50 16.88
N ARG A 76 0.71 -10.49 15.62
CA ARG A 76 -0.13 -11.58 15.13
C ARG A 76 0.64 -12.89 15.09
N ILE A 77 1.90 -12.86 14.65
CA ILE A 77 2.73 -14.05 14.66
C ILE A 77 3.26 -14.33 16.07
N ALA A 78 3.70 -13.29 16.78
CA ALA A 78 4.30 -13.52 18.10
C ALA A 78 3.30 -14.16 19.06
N SER A 79 2.03 -13.79 18.97
CA SER A 79 0.99 -14.35 19.85
C SER A 79 0.75 -15.83 19.61
N GLN A 80 1.30 -16.41 18.55
CA GLN A 80 1.24 -17.85 18.33
C GLN A 80 2.41 -18.58 18.96
N GLY A 81 3.38 -17.86 19.51
CA GLY A 81 4.52 -18.46 20.17
C GLY A 81 5.83 -18.22 19.46
N PHE A 82 6.17 -16.95 19.21
CA PHE A 82 7.42 -16.58 18.56
C PHE A 82 7.90 -15.23 19.08
N VAL A 83 9.21 -15.02 19.05
CA VAL A 83 9.80 -13.71 19.25
C VAL A 83 10.02 -13.09 17.87
N VAL A 84 9.35 -11.99 17.59
CA VAL A 84 9.31 -11.42 16.25
C VAL A 84 9.79 -9.97 16.29
N ILE A 85 10.79 -9.65 15.48
CA ILE A 85 11.26 -8.28 15.34
C ILE A 85 10.89 -7.76 13.96
N THR A 86 10.12 -6.67 13.92
CA THR A 86 9.81 -5.94 12.70
C THR A 86 10.80 -4.77 12.61
N ILE A 87 11.52 -4.68 11.49
CA ILE A 87 12.62 -3.72 11.42
C ILE A 87 12.26 -2.54 10.52
N ASP A 88 12.93 -1.43 10.78
CA ASP A 88 13.18 -0.40 9.78
C ASP A 88 14.53 -0.69 9.14
N THR A 89 14.68 -0.33 7.87
CA THR A 89 15.96 -0.46 7.20
C THR A 89 16.78 0.81 7.40
N ILE A 90 18.08 0.71 7.11
CA ILE A 90 18.98 1.85 7.32
C ILE A 90 18.50 3.06 6.52
N THR A 91 18.14 2.86 5.26
CA THR A 91 17.44 3.87 4.48
C THR A 91 16.25 3.24 3.76
N ARG A 92 15.30 4.09 3.35
CA ARG A 92 14.12 3.64 2.64
C ARG A 92 14.43 3.14 1.24
N LEU A 93 15.60 3.44 0.70
CA LEU A 93 15.96 3.08 -0.66
C LEU A 93 16.91 1.89 -0.74
N ASP A 94 17.13 1.18 0.37
CA ASP A 94 18.02 0.02 0.36
C ASP A 94 17.47 -1.06 -0.58
N GLN A 95 18.37 -1.74 -1.28
CA GLN A 95 18.02 -2.78 -2.25
C GLN A 95 17.98 -4.14 -1.57
N PRO A 96 17.53 -5.19 -2.28
CA PRO A 96 17.28 -6.48 -1.58
C PRO A 96 18.47 -7.08 -0.86
N ASP A 97 19.66 -7.09 -1.46
CA ASP A 97 20.80 -7.72 -0.79
C ASP A 97 21.10 -7.03 0.54
N SER A 98 21.05 -5.70 0.56
CA SER A 98 21.27 -4.98 1.81
C SER A 98 20.19 -5.32 2.83
N ARG A 99 18.93 -5.42 2.39
CA ARG A 99 17.86 -5.77 3.32
C ARG A 99 18.08 -7.16 3.92
N GLY A 100 18.63 -8.08 3.13
CA GLY A 100 18.94 -9.39 3.67
C GLY A 100 20.04 -9.34 4.73
N ARG A 101 21.08 -8.56 4.47
CA ARG A 101 22.13 -8.36 5.46
C ARG A 101 21.55 -7.77 6.74
N GLN A 102 20.59 -6.85 6.61
CA GLN A 102 19.98 -6.23 7.78
C GLN A 102 19.06 -7.20 8.53
N LEU A 103 18.42 -8.13 7.83
CA LEU A 103 17.68 -9.17 8.53
C LEU A 103 18.61 -10.03 9.38
N GLN A 104 19.78 -10.42 8.84
CA GLN A 104 20.76 -11.14 9.62
C GLN A 104 21.24 -10.31 10.82
N ALA A 105 21.49 -9.02 10.60
CA ALA A 105 21.91 -8.16 11.70
C ALA A 105 20.84 -8.08 12.78
N ALA A 106 19.56 -8.03 12.39
CA ALA A 106 18.49 -7.99 13.38
C ALA A 106 18.42 -9.29 14.18
N LEU A 107 18.62 -10.43 13.51
CA LEU A 107 18.66 -11.69 14.25
C LEU A 107 19.89 -11.74 15.17
N ASP A 108 21.04 -11.26 14.69
CA ASP A 108 22.22 -11.21 15.55
C ASP A 108 21.96 -10.34 16.78
N HIS A 109 21.21 -9.26 16.60
CA HIS A 109 20.90 -8.37 17.71
C HIS A 109 20.08 -9.09 18.79
N LEU A 110 19.15 -9.95 18.38
CA LEU A 110 18.28 -10.59 19.37
C LEU A 110 19.07 -11.47 20.34
N ARG A 111 20.19 -12.04 19.89
CA ARG A 111 20.97 -12.95 20.73
C ARG A 111 21.47 -12.27 21.99
N THR A 112 21.73 -10.96 21.95
CA THR A 112 22.24 -10.26 23.12
C THR A 112 21.29 -9.19 23.64
N ASN A 113 20.06 -9.14 23.13
CA ASN A 113 19.08 -8.18 23.65
C ASN A 113 18.68 -8.59 25.06
N SER A 114 18.82 -7.65 26.00
CA SER A 114 18.60 -7.98 27.41
C SER A 114 17.15 -8.34 27.70
N VAL A 115 16.19 -7.78 26.95
CA VAL A 115 14.79 -8.02 27.28
C VAL A 115 14.35 -9.41 26.85
N VAL A 116 14.88 -9.94 25.75
CA VAL A 116 14.39 -11.18 25.17
C VAL A 116 15.43 -12.28 25.15
N ARG A 117 16.66 -12.03 25.58
CA ARG A 117 17.70 -13.05 25.59
C ARG A 117 17.20 -14.36 26.17
N ASN A 118 16.53 -14.30 27.32
CA ASN A 118 16.10 -15.51 28.03
C ASN A 118 14.80 -16.09 27.51
N ARG A 119 14.24 -15.53 26.44
CA ARG A 119 12.99 -15.99 25.87
C ARG A 119 13.17 -16.63 24.51
N ILE A 120 14.34 -16.50 23.90
CA ILE A 120 14.57 -17.00 22.55
CA ILE A 120 14.56 -17.00 22.55
C ILE A 120 15.39 -18.28 22.60
N ASP A 121 15.13 -19.16 21.64
CA ASP A 121 16.04 -20.25 21.34
C ASP A 121 16.89 -19.73 20.19
N PRO A 122 18.14 -19.31 20.42
CA PRO A 122 18.92 -18.69 19.34
C PRO A 122 19.25 -19.64 18.20
N ASN A 123 19.04 -20.95 18.35
CA ASN A 123 19.33 -21.87 17.27
C ASN A 123 18.15 -22.07 16.32
N ARG A 124 17.02 -21.39 16.56
CA ARG A 124 15.80 -21.58 15.77
C ARG A 124 15.31 -20.22 15.27
N MET A 125 15.71 -19.87 14.04
CA MET A 125 15.49 -18.52 13.52
C MET A 125 14.97 -18.55 12.10
N ALA A 126 14.28 -17.47 11.73
CA ALA A 126 13.59 -17.37 10.46
C ALA A 126 13.55 -15.93 10.00
N VAL A 127 13.38 -15.76 8.69
CA VAL A 127 13.32 -14.45 8.04
C VAL A 127 12.07 -14.37 7.17
N MET A 128 11.46 -13.18 7.14
CA MET A 128 10.33 -12.87 6.26
C MET A 128 10.52 -11.44 5.74
N GLY A 129 9.80 -11.10 4.69
CA GLY A 129 9.78 -9.71 4.27
C GLY A 129 8.80 -9.50 3.13
N HIS A 130 8.42 -8.22 2.97
CA HIS A 130 7.55 -7.80 1.87
C HIS A 130 8.36 -7.14 0.77
N ALA A 131 8.10 -7.57 -0.48
CA ALA A 131 8.57 -6.89 -1.69
C ALA A 131 10.10 -6.94 -1.68
N MET A 132 10.81 -5.81 -1.77
CA MET A 132 12.27 -5.90 -1.68
C MET A 132 12.70 -6.59 -0.38
N GLY A 133 11.90 -6.45 0.68
CA GLY A 133 12.19 -7.16 1.92
C GLY A 133 12.08 -8.67 1.78
N GLY A 134 11.19 -9.13 0.91
CA GLY A 134 11.12 -10.55 0.61
C GLY A 134 12.33 -11.03 -0.17
N GLY A 135 12.76 -10.24 -1.16
CA GLY A 135 14.04 -10.50 -1.78
C GLY A 135 15.15 -10.58 -0.76
N GLY A 136 15.13 -9.67 0.22
CA GLY A 136 16.09 -9.73 1.30
C GLY A 136 16.00 -11.01 2.10
N ALA A 137 14.79 -11.49 2.36
CA ALA A 137 14.65 -12.73 3.10
C ALA A 137 15.29 -13.90 2.36
N LEU A 138 15.11 -13.96 1.03
CA LEU A 138 15.77 -14.98 0.23
C LEU A 138 17.29 -14.82 0.28
N SER A 139 17.78 -13.59 0.13
CA SER A 139 19.22 -13.35 0.21
CA SER A 139 19.21 -13.36 0.21
C SER A 139 19.79 -13.82 1.55
N ALA A 140 19.10 -13.48 2.64
CA ALA A 140 19.56 -13.88 3.97
C ALA A 140 19.65 -15.39 4.08
N ALA A 141 18.63 -16.10 3.60
CA ALA A 141 18.69 -17.56 3.64
C ALA A 141 19.81 -18.09 2.75
N ALA A 142 20.02 -17.48 1.59
CA ALA A 142 21.09 -17.92 0.69
C ALA A 142 22.47 -17.74 1.30
N ASN A 143 22.60 -16.89 2.33
CA ASN A 143 23.87 -16.64 3.00
C ASN A 143 23.97 -17.31 4.37
N ASN A 144 22.99 -18.14 4.75
CA ASN A 144 23.01 -18.75 6.09
C ASN A 144 22.14 -20.01 6.07
N THR A 145 22.78 -21.16 5.86
CA THR A 145 22.06 -22.44 5.78
C THR A 145 21.48 -22.90 7.12
N SER A 146 21.80 -22.23 8.22
CA SER A 146 21.23 -22.59 9.52
C SER A 146 19.83 -22.03 9.74
N LEU A 147 19.39 -21.07 8.93
CA LEU A 147 18.06 -20.49 9.12
C LEU A 147 17.00 -21.57 8.85
N GLU A 148 15.93 -21.53 9.65
CA GLU A 148 14.95 -22.62 9.64
CA GLU A 148 14.96 -22.62 9.62
C GLU A 148 13.76 -22.38 8.72
N ALA A 149 13.46 -21.12 8.38
CA ALA A 149 12.34 -20.83 7.48
C ALA A 149 12.58 -19.48 6.82
N ALA A 150 12.04 -19.32 5.61
CA ALA A 150 12.10 -18.06 4.89
C ALA A 150 10.75 -17.84 4.21
N ILE A 151 10.21 -16.64 4.32
CA ILE A 151 8.90 -16.35 3.73
C ILE A 151 8.92 -15.01 2.99
N PRO A 152 9.22 -15.00 1.70
CA PRO A 152 9.08 -13.76 0.91
C PRO A 152 7.62 -13.53 0.53
N LEU A 153 7.12 -12.33 0.83
CA LEU A 153 5.75 -11.91 0.53
C LEU A 153 5.81 -10.90 -0.62
N GLN A 154 5.24 -11.26 -1.76
CA GLN A 154 5.33 -10.46 -2.98
C GLN A 154 6.76 -10.02 -3.24
N GLY A 155 7.67 -10.98 -3.11
CA GLY A 155 9.10 -10.68 -3.13
C GLY A 155 9.53 -10.07 -4.46
N TRP A 156 10.49 -9.16 -4.37
CA TRP A 156 11.10 -8.50 -5.52
C TRP A 156 12.61 -8.68 -5.41
N HIS A 157 13.24 -9.14 -6.47
CA HIS A 157 14.69 -9.25 -6.51
C HIS A 157 15.14 -9.36 -7.96
N THR A 158 16.29 -8.76 -8.27
CA THR A 158 16.89 -8.94 -9.58
C THR A 158 17.48 -10.33 -9.71
N ARG A 159 17.89 -10.94 -8.60
CA ARG A 159 18.43 -12.29 -8.62
CA ARG A 159 18.43 -12.29 -8.62
C ARG A 159 17.28 -13.29 -8.69
N LYS A 160 17.29 -14.12 -9.73
CA LYS A 160 16.21 -15.08 -9.93
C LYS A 160 16.59 -16.52 -9.57
N ASN A 161 17.89 -16.82 -9.42
CA ASN A 161 18.35 -18.19 -9.18
C ASN A 161 18.63 -18.39 -7.70
N TRP A 162 17.82 -19.22 -7.04
CA TRP A 162 17.93 -19.46 -5.61
C TRP A 162 18.28 -20.91 -5.32
N SER A 163 19.10 -21.50 -6.19
CA SER A 163 19.52 -22.89 -6.01
C SER A 163 20.41 -23.11 -4.79
N SER A 164 21.02 -22.05 -4.24
CA SER A 164 21.86 -22.18 -3.06
C SER A 164 21.07 -22.26 -1.75
N VAL A 165 19.76 -21.99 -1.79
CA VAL A 165 18.97 -21.94 -0.56
C VAL A 165 18.76 -23.34 -0.02
N ARG A 166 19.01 -23.51 1.28
CA ARG A 166 18.84 -24.77 1.99
C ARG A 166 17.84 -24.65 3.13
N THR A 167 17.04 -23.58 3.15
CA THR A 167 16.09 -23.24 4.19
C THR A 167 14.68 -23.44 3.66
N PRO A 168 13.80 -24.17 4.35
CA PRO A 168 12.42 -24.32 3.87
C PRO A 168 11.75 -22.98 3.62
N THR A 169 11.18 -22.81 2.43
CA THR A 169 10.72 -21.51 1.97
C THR A 169 9.29 -21.58 1.47
N LEU A 170 8.45 -20.67 1.95
CA LEU A 170 7.09 -20.44 1.47
C LEU A 170 7.10 -19.15 0.66
N VAL A 171 6.79 -19.25 -0.63
CA VAL A 171 6.75 -18.09 -1.51
C VAL A 171 5.30 -17.67 -1.67
N VAL A 172 4.98 -16.45 -1.26
CA VAL A 172 3.61 -15.94 -1.32
C VAL A 172 3.56 -14.86 -2.38
N GLY A 173 2.83 -15.14 -3.45
CA GLY A 173 2.66 -14.19 -4.52
C GLY A 173 1.28 -13.55 -4.48
N ALA A 174 1.17 -12.39 -5.11
CA ALA A 174 -0.09 -11.70 -5.32
C ALA A 174 -0.43 -11.81 -6.80
N GLN A 175 -1.62 -12.34 -7.10
CA GLN A 175 -1.97 -12.69 -8.47
C GLN A 175 -1.87 -11.51 -9.42
N LEU A 176 -2.33 -10.33 -8.99
CA LEU A 176 -2.35 -9.13 -9.81
C LEU A 176 -1.26 -8.15 -9.44
N ASP A 177 -0.07 -8.64 -9.10
CA ASP A 177 1.03 -7.77 -8.75
C ASP A 177 1.65 -7.18 -10.01
N THR A 178 1.67 -5.84 -10.10
CA THR A 178 2.26 -5.13 -11.22
C THR A 178 3.67 -4.64 -10.91
N ILE A 179 4.06 -4.68 -9.65
CA ILE A 179 5.38 -4.19 -9.23
C ILE A 179 6.38 -5.33 -9.16
N ALA A 180 5.97 -6.46 -8.59
CA ALA A 180 6.77 -7.67 -8.49
C ALA A 180 5.92 -8.81 -9.06
N PRO A 181 5.66 -8.78 -10.37
CA PRO A 181 4.78 -9.81 -10.96
C PRO A 181 5.27 -11.22 -10.69
N VAL A 182 4.33 -12.12 -10.44
CA VAL A 182 4.71 -13.45 -9.99
C VAL A 182 5.45 -14.21 -11.09
N SER A 183 5.17 -13.93 -12.37
CA SER A 183 5.83 -14.69 -13.42
C SER A 183 7.34 -14.50 -13.39
N SER A 184 7.81 -13.28 -13.10
CA SER A 184 9.24 -12.98 -13.16
C SER A 184 9.90 -12.82 -11.79
N HIS A 185 9.13 -12.79 -10.71
CA HIS A 185 9.67 -12.74 -9.36
C HIS A 185 9.21 -14.01 -8.62
N SER A 186 8.11 -13.96 -7.87
CA SER A 186 7.73 -15.05 -6.98
C SER A 186 7.85 -16.45 -7.59
N GLU A 187 7.19 -16.70 -8.72
CA GLU A 187 7.20 -18.06 -9.25
C GLU A 187 8.57 -18.43 -9.79
N ALA A 188 9.30 -17.46 -10.35
CA ALA A 188 10.66 -17.73 -10.76
C ALA A 188 11.52 -18.14 -9.57
N PHE A 189 11.30 -17.50 -8.41
CA PHE A 189 12.05 -17.87 -7.21
C PHE A 189 11.71 -19.29 -6.78
N TYR A 190 10.41 -19.62 -6.73
CA TYR A 190 10.01 -20.96 -6.35
C TYR A 190 10.64 -22.02 -7.27
N ASN A 191 10.65 -21.73 -8.58
CA ASN A 191 11.10 -22.73 -9.53
C ASN A 191 12.60 -22.98 -9.45
N SER A 192 13.37 -21.99 -8.99
CA SER A 192 14.82 -22.13 -8.93
C SER A 192 15.31 -22.60 -7.56
N LEU A 193 14.48 -22.51 -6.53
CA LEU A 193 14.78 -23.21 -5.28
C LEU A 193 15.00 -24.68 -5.62
N PRO A 194 15.85 -25.38 -4.89
CA PRO A 194 16.07 -26.81 -5.18
C PRO A 194 14.76 -27.56 -5.27
N SER A 195 14.66 -28.47 -6.25
CA SER A 195 13.44 -29.23 -6.43
C SER A 195 13.13 -30.13 -5.24
N ASP A 196 14.14 -30.47 -4.44
CA ASP A 196 13.95 -31.32 -3.27
CA ASP A 196 13.95 -31.32 -3.27
C ASP A 196 13.85 -30.54 -1.97
N LEU A 197 13.95 -29.21 -2.02
CA LEU A 197 13.73 -28.40 -0.82
C LEU A 197 12.29 -28.55 -0.36
N ASP A 198 12.09 -28.48 0.97
CA ASP A 198 10.75 -28.28 1.52
C ASP A 198 10.29 -26.87 1.15
N LYS A 199 9.31 -26.76 0.26
CA LYS A 199 8.92 -25.44 -0.24
C LYS A 199 7.47 -25.46 -0.71
N ALA A 200 6.91 -24.27 -0.84
CA ALA A 200 5.55 -24.12 -1.34
C ALA A 200 5.44 -22.76 -2.02
N TYR A 201 4.57 -22.72 -3.03
CA TYR A 201 4.15 -21.49 -3.68
C TYR A 201 2.67 -21.29 -3.45
N MET A 202 2.29 -20.13 -2.93
CA MET A 202 0.89 -19.79 -2.70
CA MET A 202 0.89 -19.79 -2.70
C MET A 202 0.60 -18.44 -3.32
N GLU A 203 -0.38 -18.40 -4.22
CA GLU A 203 -0.76 -17.17 -4.91
C GLU A 203 -2.09 -16.66 -4.36
N LEU A 204 -2.13 -15.38 -3.99
CA LEU A 204 -3.33 -14.76 -3.44
C LEU A 204 -4.21 -14.25 -4.56
N ARG A 205 -5.43 -14.81 -4.64
CA ARG A 205 -6.35 -14.49 -5.71
C ARG A 205 -6.72 -13.01 -5.69
N GLY A 206 -6.61 -12.37 -6.84
CA GLY A 206 -7.04 -10.99 -7.01
C GLY A 206 -6.25 -9.96 -6.24
N ALA A 207 -5.12 -10.33 -5.66
CA ALA A 207 -4.41 -9.44 -4.75
C ALA A 207 -3.43 -8.55 -5.50
N SER A 208 -3.27 -7.34 -4.98
CA SER A 208 -2.31 -6.39 -5.54
C SER A 208 -1.02 -6.43 -4.74
N HIS A 209 -0.06 -5.62 -5.17
CA HIS A 209 1.28 -5.66 -4.59
C HIS A 209 1.31 -5.38 -3.09
N LEU A 210 0.42 -4.52 -2.59
CA LEU A 210 0.48 -4.09 -1.20
C LEU A 210 -0.41 -4.92 -0.28
N VAL A 211 -0.83 -6.11 -0.70
CA VAL A 211 -1.71 -6.92 0.13
C VAL A 211 -1.09 -7.18 1.50
N SER A 212 0.24 -7.28 1.59
CA SER A 212 0.87 -7.60 2.87
C SER A 212 0.95 -6.41 3.83
N ASN A 213 0.58 -5.21 3.42
CA ASN A 213 0.79 -4.04 4.26
C ASN A 213 -0.44 -3.69 5.11
N THR A 214 -1.51 -4.46 5.00
CA THR A 214 -2.65 -4.43 5.92
C THR A 214 -3.02 -5.86 6.23
N PRO A 215 -3.70 -6.10 7.35
CA PRO A 215 -3.98 -7.49 7.75
C PRO A 215 -4.67 -8.29 6.66
N ASP A 216 -4.09 -9.45 6.35
CA ASP A 216 -4.60 -10.40 5.38
C ASP A 216 -4.58 -11.76 6.03
N THR A 217 -5.76 -12.35 6.23
CA THR A 217 -5.84 -13.57 7.03
C THR A 217 -5.18 -14.76 6.33
N THR A 218 -5.25 -14.82 4.99
CA THR A 218 -4.62 -15.92 4.27
C THR A 218 -3.11 -15.89 4.46
N THR A 219 -2.51 -14.71 4.29
CA THR A 219 -1.08 -14.54 4.53
C THR A 219 -0.70 -14.96 5.95
N ALA A 220 -1.46 -14.47 6.93
CA ALA A 220 -1.15 -14.74 8.32
C ALA A 220 -1.28 -16.22 8.65
N LYS A 221 -2.38 -16.87 8.22
CA LYS A 221 -2.61 -18.24 8.63
C LYS A 221 -1.54 -19.19 8.09
N TYR A 222 -1.14 -19.02 6.83
CA TYR A 222 -0.14 -19.93 6.26
C TYR A 222 1.28 -19.54 6.65
N SER A 223 1.56 -18.26 6.90
CA SER A 223 2.85 -17.89 7.49
C SER A 223 3.01 -18.53 8.86
N ILE A 224 1.95 -18.49 9.67
CA ILE A 224 1.99 -19.09 11.00
C ILE A 224 2.22 -20.59 10.89
N ALA A 225 1.46 -21.25 10.00
CA ALA A 225 1.62 -22.69 9.82
C ALA A 225 3.04 -23.03 9.34
N TRP A 226 3.59 -22.21 8.45
CA TRP A 226 4.94 -22.48 7.98
C TRP A 226 5.96 -22.35 9.10
N LEU A 227 5.88 -21.26 9.88
CA LEU A 227 6.83 -21.07 10.97
C LEU A 227 6.70 -22.17 12.01
N LYS A 228 5.47 -22.54 12.35
CA LYS A 228 5.26 -23.66 13.28
C LYS A 228 5.92 -24.92 12.74
N ARG A 229 5.67 -25.24 11.47
CA ARG A 229 6.14 -26.51 10.93
C ARG A 229 7.66 -26.57 10.87
N PHE A 230 8.33 -25.46 10.62
CA PHE A 230 9.76 -25.49 10.33
C PHE A 230 10.64 -24.82 11.36
N VAL A 231 10.15 -23.86 12.12
CA VAL A 231 10.92 -23.33 13.25
C VAL A 231 10.73 -24.19 14.48
N ASP A 232 9.52 -24.71 14.69
CA ASP A 232 9.21 -25.57 15.82
C ASP A 232 9.21 -27.05 15.47
N ASP A 233 9.38 -27.40 14.19
CA ASP A 233 9.24 -28.78 13.74
C ASP A 233 7.87 -29.37 14.12
N ASP A 234 6.86 -28.50 14.21
CA ASP A 234 5.56 -28.87 14.79
C ASP A 234 4.70 -29.54 13.72
N LEU A 235 4.64 -30.87 13.79
CA LEU A 235 3.92 -31.65 12.78
C LEU A 235 2.42 -31.44 12.86
N ARG A 236 1.92 -30.89 13.96
CA ARG A 236 0.50 -30.57 14.06
C ARG A 236 0.05 -29.55 13.01
N TYR A 237 0.98 -28.82 12.41
CA TYR A 237 0.62 -27.78 11.45
C TYR A 237 0.79 -28.23 10.00
N GLU A 238 1.32 -29.42 9.77
CA GLU A 238 1.47 -29.85 8.38
C GLU A 238 0.11 -30.02 7.72
N GLN A 239 -0.93 -30.29 8.51
CA GLN A 239 -2.27 -30.49 7.96
C GLN A 239 -2.75 -29.29 7.18
N PHE A 240 -2.26 -28.09 7.50
CA PHE A 240 -2.72 -26.89 6.83
C PHE A 240 -1.94 -26.62 5.55
N LEU A 241 -0.79 -27.26 5.37
CA LEU A 241 0.09 -27.01 4.23
C LEU A 241 0.00 -28.11 3.19
N CYS A 242 -0.50 -29.29 3.57
CA CYS A 242 -0.54 -30.47 2.71
C CYS A 242 -1.90 -31.12 2.82
N PRO A 243 -2.67 -31.23 1.72
CA PRO A 243 -2.40 -30.81 0.33
C PRO A 243 -2.74 -29.34 0.07
N ALA A 244 -2.94 -29.00 -1.21
CA ALA A 244 -3.25 -27.63 -1.59
C ALA A 244 -4.46 -27.12 -0.81
N PRO A 245 -4.36 -25.98 -0.15
CA PRO A 245 -5.52 -25.41 0.54
C PRO A 245 -6.70 -25.20 -0.39
N ASP A 246 -7.90 -25.30 0.18
CA ASP A 246 -9.13 -25.06 -0.53
CA ASP A 246 -9.13 -25.06 -0.54
C ASP A 246 -9.47 -23.57 -0.65
N ASP A 247 -8.82 -22.72 0.12
CA ASP A 247 -9.20 -21.31 0.20
C ASP A 247 -9.53 -20.74 -1.17
N PHE A 248 -10.72 -20.17 -1.29
CA PHE A 248 -11.01 -19.39 -2.50
C PHE A 248 -10.02 -18.24 -2.65
N ALA A 249 -9.41 -17.80 -1.54
CA ALA A 249 -8.44 -16.71 -1.59
C ALA A 249 -7.14 -17.10 -2.26
N ILE A 250 -6.94 -18.39 -2.56
CA ILE A 250 -5.71 -18.90 -3.15
C ILE A 250 -6.02 -19.31 -4.59
N SER A 251 -5.35 -18.65 -5.53
CA SER A 251 -5.60 -18.89 -6.96
C SER A 251 -4.68 -19.94 -7.56
N GLU A 252 -3.53 -20.19 -6.95
CA GLU A 252 -2.63 -21.24 -7.40
C GLU A 252 -1.81 -21.70 -6.21
N TYR A 253 -1.36 -22.96 -6.26
CA TYR A 253 -0.56 -23.51 -5.17
CA TYR A 253 -0.58 -23.53 -5.17
C TYR A 253 0.23 -24.70 -5.68
N ARG A 254 1.46 -24.83 -5.22
CA ARG A 254 2.19 -26.07 -5.43
C ARG A 254 3.25 -26.19 -4.34
N SER A 255 3.63 -27.43 -4.06
CA SER A 255 4.49 -27.71 -2.93
C SER A 255 5.23 -29.03 -3.11
N THR A 256 6.22 -29.25 -2.25
CA THR A 256 6.92 -30.53 -2.15
C THR A 256 6.43 -31.35 -0.96
N CYS A 257 5.15 -31.22 -0.62
CA CYS A 257 4.50 -32.13 0.31
C CYS A 257 4.65 -33.58 -0.12
N PRO A 258 4.68 -34.51 0.83
CA PRO A 258 4.70 -34.31 2.30
C PRO A 258 6.10 -33.89 2.73
N PHE A 259 6.24 -33.08 3.78
CA PHE A 259 7.51 -32.42 4.03
C PHE A 259 8.49 -33.32 4.79
N LEU A 260 9.78 -33.05 4.60
CA LEU A 260 10.83 -33.86 5.19
C LEU A 260 11.01 -33.54 6.68
N ALA B 2 -18.54 38.92 -1.83
CA ALA B 2 -17.90 37.77 -1.22
C ALA B 2 -18.15 36.51 -2.05
N ASN B 3 -17.27 35.52 -1.90
CA ASN B 3 -17.34 34.28 -2.67
C ASN B 3 -18.31 33.32 -2.00
N PRO B 4 -19.46 33.02 -2.65
CA PRO B 4 -20.46 32.17 -1.99
C PRO B 4 -20.05 30.73 -1.83
N TYR B 5 -18.94 30.31 -2.43
CA TYR B 5 -18.50 28.92 -2.34
C TYR B 5 -17.48 28.68 -1.24
N GLU B 6 -17.09 29.71 -0.49
CA GLU B 6 -16.13 29.53 0.59
C GLU B 6 -16.74 28.69 1.71
N ARG B 7 -16.01 27.66 2.13
CA ARG B 7 -16.43 26.78 3.21
C ARG B 7 -15.29 26.62 4.21
N GLY B 8 -15.64 26.61 5.49
CA GLY B 8 -14.68 26.38 6.55
C GLY B 8 -13.91 27.63 6.90
N PRO B 9 -13.21 27.60 8.03
CA PRO B 9 -12.44 28.77 8.46
C PRO B 9 -11.21 28.97 7.59
N ASP B 10 -10.59 30.14 7.76
CA ASP B 10 -9.40 30.46 6.98
C ASP B 10 -8.33 29.40 7.20
N PRO B 11 -7.63 28.98 6.15
CA PRO B 11 -6.68 27.87 6.27
C PRO B 11 -5.29 28.26 6.76
N THR B 12 -4.57 27.23 7.21
CA THR B 12 -3.15 27.31 7.55
C THR B 12 -2.43 26.12 6.94
N GLU B 13 -1.10 26.12 7.01
CA GLU B 13 -0.37 24.93 6.60
C GLU B 13 -0.83 23.73 7.40
N SER B 14 -1.05 23.90 8.70
CA SER B 14 -1.48 22.78 9.53
CA SER B 14 -1.49 22.79 9.53
C SER B 14 -2.89 22.35 9.18
N SER B 15 -3.78 23.27 8.80
CA SER B 15 -5.17 22.90 8.57
C SER B 15 -5.33 22.11 7.28
N ILE B 16 -4.48 22.35 6.28
CA ILE B 16 -4.53 21.54 5.07
C ILE B 16 -3.72 20.26 5.18
N GLU B 17 -2.86 20.13 6.19
CA GLU B 17 -2.13 18.90 6.44
C GLU B 17 -2.89 17.93 7.31
N ALA B 18 -3.99 18.38 7.93
CA ALA B 18 -4.71 17.57 8.91
C ALA B 18 -5.34 16.36 8.25
N VAL B 19 -5.35 15.24 8.98
CA VAL B 19 -5.97 14.03 8.46
C VAL B 19 -7.48 14.23 8.32
N ARG B 20 -8.09 15.02 9.19
CA ARG B 20 -9.50 15.38 9.03
C ARG B 20 -9.64 16.88 9.17
N GLY B 21 -10.37 17.48 8.23
CA GLY B 21 -10.67 18.89 8.25
C GLY B 21 -11.78 19.21 9.22
N PRO B 22 -12.39 20.40 9.07
CA PRO B 22 -13.38 20.85 10.05
C PRO B 22 -14.76 20.24 9.89
N PHE B 23 -15.05 19.58 8.77
CA PHE B 23 -16.36 19.01 8.53
C PHE B 23 -16.39 17.55 8.95
N ALA B 24 -17.29 17.24 9.88
CA ALA B 24 -17.64 15.85 10.13
C ALA B 24 -18.16 15.24 8.84
N VAL B 25 -17.88 13.96 8.62
CA VAL B 25 -18.29 13.32 7.38
C VAL B 25 -19.07 12.05 7.66
N ALA B 26 -20.01 11.75 6.78
CA ALA B 26 -20.71 10.48 6.71
C ALA B 26 -20.40 9.86 5.36
N GLN B 27 -20.85 8.61 5.17
CA GLN B 27 -20.60 7.91 3.92
C GLN B 27 -21.79 7.05 3.54
N THR B 28 -21.89 6.78 2.24
CA THR B 28 -22.90 5.89 1.69
C THR B 28 -22.27 5.08 0.57
N THR B 29 -22.74 3.85 0.40
CA THR B 29 -22.16 2.92 -0.55
C THR B 29 -23.04 2.78 -1.79
N VAL B 30 -22.40 2.81 -2.95
CA VAL B 30 -23.02 2.52 -4.24
C VAL B 30 -22.56 1.13 -4.65
N SER B 31 -23.47 0.17 -4.67
CA SER B 31 -23.08 -1.17 -5.05
C SER B 31 -22.74 -1.21 -6.54
N ARG B 32 -22.04 -2.28 -6.92
CA ARG B 32 -21.73 -2.51 -8.32
C ARG B 32 -23.01 -2.57 -9.16
N LEU B 33 -24.07 -3.19 -8.61
CA LEU B 33 -25.32 -3.27 -9.36
C LEU B 33 -25.97 -1.89 -9.50
N GLN B 34 -25.83 -1.04 -8.48
CA GLN B 34 -26.45 0.28 -8.52
C GLN B 34 -25.70 1.23 -9.46
N ALA B 35 -24.44 0.96 -9.74
CA ALA B 35 -23.60 1.89 -10.48
C ALA B 35 -23.79 1.73 -11.97
N ASP B 36 -24.22 2.80 -12.65
CA ASP B 36 -24.35 2.81 -14.10
C ASP B 36 -23.02 3.32 -14.67
N GLY B 37 -22.23 2.42 -15.26
CA GLY B 37 -21.01 2.83 -15.91
C GLY B 37 -19.76 2.89 -15.06
N PHE B 38 -19.78 2.35 -13.86
CA PHE B 38 -18.57 2.18 -13.06
C PHE B 38 -18.80 1.01 -12.11
N GLY B 39 -17.78 0.69 -11.32
CA GLY B 39 -17.80 -0.54 -10.55
C GLY B 39 -18.30 -0.40 -9.13
N GLY B 40 -19.09 0.63 -8.86
CA GLY B 40 -19.49 0.95 -7.51
C GLY B 40 -18.49 1.89 -6.86
N GLY B 41 -18.82 2.31 -5.64
CA GLY B 41 -17.91 3.18 -4.91
C GLY B 41 -18.49 3.55 -3.56
N THR B 42 -17.74 4.39 -2.86
CA THR B 42 -18.13 4.94 -1.58
C THR B 42 -18.20 6.45 -1.71
N ILE B 43 -19.28 7.05 -1.23
CA ILE B 43 -19.43 8.50 -1.26
C ILE B 43 -19.25 9.04 0.16
N TYR B 44 -18.27 9.93 0.32
CA TYR B 44 -18.02 10.65 1.56
C TYR B 44 -18.55 12.07 1.44
N TYR B 45 -19.28 12.54 2.46
CA TYR B 45 -19.87 13.87 2.35
C TYR B 45 -19.95 14.55 3.70
N PRO B 46 -19.89 15.88 3.74
CA PRO B 46 -20.10 16.58 5.01
C PRO B 46 -21.54 16.45 5.48
N THR B 47 -21.70 16.27 6.80
CA THR B 47 -23.04 16.25 7.39
C THR B 47 -23.57 17.64 7.68
N ASP B 48 -22.69 18.63 7.84
CA ASP B 48 -23.10 20.01 8.10
C ASP B 48 -23.52 20.66 6.78
N THR B 49 -24.80 21.04 6.70
CA THR B 49 -25.36 21.69 5.53
C THR B 49 -25.50 23.20 5.70
N SER B 50 -25.17 23.72 6.88
CA SER B 50 -25.50 25.10 7.22
C SER B 50 -24.66 26.13 6.48
N GLN B 51 -23.60 25.71 5.79
CA GLN B 51 -22.76 26.65 5.03
C GLN B 51 -23.06 26.61 3.55
N GLY B 52 -23.96 25.75 3.11
CA GLY B 52 -24.32 25.61 1.72
C GLY B 52 -23.92 24.25 1.17
N THR B 53 -24.12 24.10 -0.13
CA THR B 53 -23.76 22.87 -0.82
C THR B 53 -22.29 22.88 -1.18
N PHE B 54 -21.80 21.70 -1.61
CA PHE B 54 -20.39 21.46 -1.79
C PHE B 54 -20.12 20.96 -3.21
N GLY B 55 -18.93 21.27 -3.72
CA GLY B 55 -18.48 20.68 -4.95
C GLY B 55 -18.21 19.19 -4.80
N ALA B 56 -18.17 18.49 -5.93
CA ALA B 56 -18.07 17.04 -5.97
C ALA B 56 -16.80 16.60 -6.69
N VAL B 57 -16.22 15.50 -6.22
CA VAL B 57 -14.95 14.98 -6.71
C VAL B 57 -15.07 13.47 -6.87
N ALA B 58 -14.62 12.94 -8.01
CA ALA B 58 -14.57 11.51 -8.25
C ALA B 58 -13.11 11.08 -8.41
N ILE B 59 -12.74 9.96 -7.78
CA ILE B 59 -11.36 9.48 -7.70
C ILE B 59 -11.30 8.03 -8.16
N SER B 60 -10.37 7.72 -9.11
CA SER B 60 -10.19 6.38 -9.66
C SER B 60 -8.86 5.75 -9.24
N PRO B 61 -8.86 4.45 -8.93
CA PRO B 61 -7.59 3.73 -8.74
C PRO B 61 -6.96 3.41 -10.09
N GLY B 62 -5.82 2.73 -10.03
CA GLY B 62 -5.06 2.37 -11.21
C GLY B 62 -5.16 0.90 -11.56
N PHE B 63 -4.29 0.50 -12.49
CA PHE B 63 -4.28 -0.83 -13.06
C PHE B 63 -4.16 -1.91 -11.98
N THR B 64 -5.05 -2.90 -12.06
CA THR B 64 -5.16 -4.03 -11.14
C THR B 64 -5.38 -3.62 -9.69
N ALA B 65 -5.98 -2.46 -9.44
CA ALA B 65 -6.12 -1.98 -8.08
C ALA B 65 -7.58 -1.76 -7.72
N GLY B 66 -7.90 -2.00 -6.47
CA GLY B 66 -9.23 -1.75 -6.01
C GLY B 66 -9.36 -0.38 -5.40
N GLN B 67 -10.60 -0.07 -5.05
CA GLN B 67 -10.93 1.17 -4.35
C GLN B 67 -10.12 1.37 -3.08
N GLU B 68 -9.72 0.29 -2.42
CA GLU B 68 -8.96 0.44 -1.18
C GLU B 68 -7.69 1.25 -1.39
N SER B 69 -7.12 1.19 -2.59
CA SER B 69 -5.83 1.83 -2.84
C SER B 69 -5.93 3.34 -2.85
N ILE B 70 -7.13 3.91 -2.97
CA ILE B 70 -7.34 5.36 -2.94
C ILE B 70 -8.31 5.78 -1.85
N ALA B 71 -8.77 4.84 -1.03
CA ALA B 71 -9.87 5.14 -0.11
C ALA B 71 -9.54 6.26 0.86
N TRP B 72 -8.28 6.33 1.30
CA TRP B 72 -7.91 7.32 2.31
C TRP B 72 -8.14 8.74 1.82
N LEU B 73 -8.08 8.97 0.51
CA LEU B 73 -8.32 10.31 -0.01
C LEU B 73 -9.77 10.74 0.21
N GLY B 74 -10.69 9.79 0.30
CA GLY B 74 -12.10 10.10 0.33
C GLY B 74 -12.50 10.98 1.50
N PRO B 75 -12.35 10.46 2.72
CA PRO B 75 -12.74 11.25 3.89
C PRO B 75 -11.78 12.37 4.19
N ARG B 76 -10.50 12.21 3.83
CA ARG B 76 -9.53 13.27 4.07
C ARG B 76 -9.86 14.52 3.27
N ILE B 77 -10.27 14.34 2.01
CA ILE B 77 -10.68 15.49 1.21
C ILE B 77 -12.10 15.92 1.57
N ALA B 78 -13.02 14.98 1.78
CA ALA B 78 -14.42 15.37 2.01
C ALA B 78 -14.55 16.20 3.28
N SER B 79 -13.76 15.89 4.31
CA SER B 79 -13.82 16.62 5.57
C SER B 79 -13.33 18.06 5.44
N GLN B 80 -12.76 18.44 4.31
CA GLN B 80 -12.43 19.85 4.06
C GLN B 80 -13.57 20.59 3.40
N GLY B 81 -14.64 19.89 3.01
CA GLY B 81 -15.79 20.51 2.40
C GLY B 81 -16.03 20.10 0.97
N PHE B 82 -16.13 18.79 0.71
CA PHE B 82 -16.40 18.26 -0.63
C PHE B 82 -17.20 16.97 -0.50
N VAL B 83 -18.00 16.68 -1.52
CA VAL B 83 -18.61 15.35 -1.69
C VAL B 83 -17.68 14.55 -2.61
N VAL B 84 -17.14 13.44 -2.09
CA VAL B 84 -16.08 12.70 -2.75
C VAL B 84 -16.51 11.25 -2.94
N ILE B 85 -16.46 10.77 -4.19
CA ILE B 85 -16.74 9.36 -4.48
C ILE B 85 -15.45 8.69 -4.93
N THR B 86 -15.05 7.65 -4.20
CA THR B 86 -13.95 6.76 -4.56
C THR B 86 -14.55 5.52 -5.22
N ILE B 87 -14.08 5.19 -6.43
CA ILE B 87 -14.73 4.14 -7.21
C ILE B 87 -13.88 2.88 -7.31
N ASP B 88 -14.57 1.78 -7.55
CA ASP B 88 -13.99 0.62 -8.23
C ASP B 88 -14.28 0.75 -9.71
N THR B 89 -13.39 0.21 -10.53
CA THR B 89 -13.62 0.17 -11.97
C THR B 89 -14.37 -1.10 -12.34
N ILE B 90 -14.96 -1.09 -13.54
CA ILE B 90 -15.77 -2.22 -13.99
C ILE B 90 -14.96 -3.50 -13.97
N THR B 91 -13.72 -3.46 -14.47
CA THR B 91 -12.79 -4.56 -14.29
C THR B 91 -11.45 -4.00 -13.79
N ARG B 92 -10.65 -4.89 -13.19
CA ARG B 92 -9.34 -4.47 -12.69
C ARG B 92 -8.38 -4.14 -13.82
N LEU B 93 -8.65 -4.58 -15.05
CA LEU B 93 -7.74 -4.39 -16.16
C LEU B 93 -8.15 -3.25 -17.09
N ASP B 94 -9.10 -2.42 -16.68
CA ASP B 94 -9.51 -1.29 -17.52
C ASP B 94 -8.35 -0.34 -17.75
N GLN B 95 -8.26 0.19 -18.96
CA GLN B 95 -7.20 1.10 -19.37
C GLN B 95 -7.61 2.55 -19.15
N PRO B 96 -6.69 3.51 -19.34
CA PRO B 96 -6.98 4.89 -18.92
C PRO B 96 -8.23 5.51 -19.54
N ASP B 97 -8.44 5.35 -20.86
CA ASP B 97 -9.61 5.98 -21.47
C ASP B 97 -10.91 5.49 -20.83
N SER B 98 -10.99 4.17 -20.58
CA SER B 98 -12.16 3.62 -19.90
C SER B 98 -12.30 4.16 -18.49
N ARG B 99 -11.19 4.30 -17.76
CA ARG B 99 -11.27 4.82 -16.41
C ARG B 99 -11.79 6.27 -16.40
N GLY B 100 -11.42 7.05 -17.40
CA GLY B 100 -11.94 8.40 -17.50
C GLY B 100 -13.43 8.43 -17.75
N ARG B 101 -13.90 7.55 -18.64
CA ARG B 101 -15.33 7.43 -18.87
C ARG B 101 -16.07 7.06 -17.58
N GLN B 102 -15.48 6.17 -16.78
CA GLN B 102 -16.12 5.77 -15.52
C GLN B 102 -16.08 6.88 -14.48
N LEU B 103 -15.06 7.74 -14.51
CA LEU B 103 -15.08 8.91 -13.64
C LEU B 103 -16.24 9.83 -13.99
N GLN B 104 -16.47 10.05 -15.29
CA GLN B 104 -17.62 10.84 -15.70
C GLN B 104 -18.93 10.17 -15.28
N ALA B 105 -19.02 8.84 -15.41
CA ALA B 105 -20.22 8.13 -14.98
C ALA B 105 -20.44 8.28 -13.49
N ALA B 106 -19.35 8.26 -12.70
CA ALA B 106 -19.48 8.42 -11.25
C ALA B 106 -19.98 9.81 -10.89
N LEU B 107 -19.50 10.84 -11.60
CA LEU B 107 -20.03 12.19 -11.38
C LEU B 107 -21.49 12.29 -11.82
N ASP B 108 -21.83 11.68 -12.96
CA ASP B 108 -23.23 11.66 -13.39
C ASP B 108 -24.11 11.00 -12.34
N HIS B 109 -23.60 9.95 -11.70
CA HIS B 109 -24.36 9.24 -10.68
C HIS B 109 -24.69 10.15 -9.50
N LEU B 110 -23.74 11.01 -9.09
CA LEU B 110 -23.98 11.83 -7.91
C LEU B 110 -25.17 12.75 -8.10
N ARG B 111 -25.44 13.18 -9.33
CA ARG B 111 -26.51 14.13 -9.59
C ARG B 111 -27.87 13.62 -9.16
N THR B 112 -28.10 12.31 -9.21
CA THR B 112 -29.39 11.74 -8.85
C THR B 112 -29.32 10.81 -7.64
N ASN B 113 -28.18 10.76 -6.96
CA ASN B 113 -28.07 9.94 -5.77
C ASN B 113 -28.92 10.55 -4.65
N SER B 114 -29.81 9.73 -4.08
CA SER B 114 -30.78 10.24 -3.12
C SER B 114 -30.12 10.78 -1.87
N VAL B 115 -28.99 10.21 -1.47
CA VAL B 115 -28.39 10.59 -0.19
C VAL B 115 -27.68 11.93 -0.28
N VAL B 116 -27.09 12.28 -1.43
CA VAL B 116 -26.25 13.48 -1.52
C VAL B 116 -26.75 14.50 -2.53
N ARG B 117 -27.86 14.24 -3.22
CA ARG B 117 -28.32 15.17 -4.25
CA ARG B 117 -28.32 15.17 -4.25
C ARG B 117 -28.49 16.58 -3.71
N ASN B 118 -28.98 16.71 -2.47
CA ASN B 118 -29.21 18.01 -1.88
C ASN B 118 -27.98 18.60 -1.19
N ARG B 119 -26.84 17.94 -1.28
CA ARG B 119 -25.61 18.40 -0.67
C ARG B 119 -24.57 18.83 -1.69
N ILE B 120 -24.78 18.55 -2.97
CA ILE B 120 -23.81 18.83 -4.02
CA ILE B 120 -23.81 18.84 -4.01
C ILE B 120 -24.25 20.05 -4.81
N ASP B 121 -23.27 20.81 -5.28
CA ASP B 121 -23.50 21.78 -6.34
C ASP B 121 -23.13 21.07 -7.63
N PRO B 122 -24.10 20.61 -8.43
CA PRO B 122 -23.76 19.80 -9.62
C PRO B 122 -22.97 20.54 -10.67
N ASN B 123 -22.86 21.85 -10.61
CA ASN B 123 -22.09 22.59 -11.59
C ASN B 123 -20.62 22.74 -11.21
N ARG B 124 -20.18 22.18 -10.08
CA ARG B 124 -18.80 22.33 -9.60
C ARG B 124 -18.22 20.95 -9.29
N MET B 125 -17.49 20.40 -10.25
CA MET B 125 -17.05 19.02 -10.18
C MET B 125 -15.59 18.88 -10.61
N ALA B 126 -14.95 17.81 -10.14
CA ALA B 126 -13.53 17.59 -10.34
C ALA B 126 -13.24 16.10 -10.40
N VAL B 127 -12.10 15.75 -11.01
CA VAL B 127 -11.67 14.37 -11.17
C VAL B 127 -10.24 14.21 -10.67
N MET B 128 -9.97 13.06 -10.05
CA MET B 128 -8.63 12.69 -9.62
C MET B 128 -8.43 11.21 -9.91
N GLY B 129 -7.19 10.75 -9.91
CA GLY B 129 -6.94 9.33 -9.99
C GLY B 129 -5.47 9.02 -9.84
N HIS B 130 -5.19 7.77 -9.49
CA HIS B 130 -3.83 7.27 -9.39
C HIS B 130 -3.46 6.46 -10.63
N ALA B 131 -2.31 6.79 -11.22
CA ALA B 131 -1.67 5.95 -12.23
C ALA B 131 -2.62 5.86 -13.42
N MET B 132 -3.04 4.68 -13.88
CA MET B 132 -4.00 4.65 -14.97
C MET B 132 -5.26 5.45 -14.62
N GLY B 133 -5.63 5.50 -13.34
CA GLY B 133 -6.75 6.34 -12.94
C GLY B 133 -6.46 7.82 -13.12
N GLY B 134 -5.20 8.23 -12.94
CA GLY B 134 -4.83 9.59 -13.25
C GLY B 134 -4.84 9.89 -14.74
N GLY B 135 -4.37 8.93 -15.54
CA GLY B 135 -4.60 9.02 -16.97
C GLY B 135 -6.07 9.18 -17.29
N GLY B 136 -6.93 8.45 -16.58
CA GLY B 136 -8.36 8.63 -16.75
C GLY B 136 -8.84 10.02 -16.38
N ALA B 137 -8.30 10.58 -15.30
CA ALA B 137 -8.70 11.92 -14.90
C ALA B 137 -8.39 12.93 -15.99
N LEU B 138 -7.21 12.79 -16.64
CA LEU B 138 -6.88 13.65 -17.77
C LEU B 138 -7.84 13.42 -18.93
N SER B 139 -8.14 12.16 -19.25
CA SER B 139 -9.06 11.86 -20.34
CA SER B 139 -9.07 11.86 -20.34
C SER B 139 -10.44 12.45 -20.06
N ALA B 140 -10.92 12.31 -18.82
CA ALA B 140 -12.23 12.88 -18.47
C ALA B 140 -12.26 14.39 -18.66
N ALA B 141 -11.20 15.08 -18.25
CA ALA B 141 -11.17 16.52 -18.44
C ALA B 141 -11.11 16.87 -19.93
N ALA B 142 -10.35 16.10 -20.71
CA ALA B 142 -10.24 16.34 -22.15
C ALA B 142 -11.56 16.10 -22.87
N ASN B 143 -12.51 15.38 -22.26
CA ASN B 143 -13.81 15.13 -22.84
C ASN B 143 -14.92 15.98 -22.21
N ASN B 144 -14.57 16.93 -21.32
CA ASN B 144 -15.60 17.73 -20.64
C ASN B 144 -14.99 19.03 -20.13
N THR B 145 -15.15 20.12 -20.90
CA THR B 145 -14.58 21.41 -20.54
C THR B 145 -15.25 22.06 -19.34
N SER B 146 -16.37 21.53 -18.86
CA SER B 146 -17.03 22.09 -17.69
C SER B 146 -16.41 21.63 -16.37
N LEU B 147 -15.57 20.60 -16.39
CA LEU B 147 -14.95 20.15 -15.15
C LEU B 147 -14.03 21.25 -14.62
N GLU B 148 -14.01 21.41 -13.30
CA GLU B 148 -13.29 22.55 -12.72
C GLU B 148 -11.89 22.24 -12.22
N ALA B 149 -11.55 20.99 -11.98
CA ALA B 149 -10.19 20.64 -11.59
C ALA B 149 -9.90 19.20 -11.98
N ALA B 150 -8.63 18.91 -12.24
CA ALA B 150 -8.19 17.54 -12.52
C ALA B 150 -6.85 17.31 -11.84
N ILE B 151 -6.70 16.17 -11.18
CA ILE B 151 -5.46 15.88 -10.46
C ILE B 151 -4.98 14.46 -10.74
N PRO B 152 -4.12 14.25 -11.74
CA PRO B 152 -3.51 12.92 -11.91
C PRO B 152 -2.36 12.74 -10.92
N LEU B 153 -2.39 11.61 -10.19
CA LEU B 153 -1.36 11.24 -9.22
C LEU B 153 -0.56 10.09 -9.83
N GLN B 154 0.72 10.34 -10.12
CA GLN B 154 1.59 9.39 -10.82
C GLN B 154 0.90 8.85 -12.06
N GLY B 155 0.32 9.77 -12.82
CA GLY B 155 -0.54 9.36 -13.93
C GLY B 155 0.23 8.55 -14.97
N TRP B 156 -0.47 7.58 -15.56
CA TRP B 156 0.02 6.74 -16.63
C TRP B 156 -0.97 6.84 -17.79
N HIS B 157 -0.47 7.10 -18.99
CA HIS B 157 -1.31 7.12 -20.19
C HIS B 157 -0.41 6.99 -21.41
N THR B 158 -0.92 6.30 -22.44
CA THR B 158 -0.23 6.29 -23.74
C THR B 158 -0.38 7.63 -24.45
N ARG B 159 -1.48 8.33 -24.19
CA ARG B 159 -1.70 9.65 -24.77
CA ARG B 159 -1.70 9.65 -24.77
C ARG B 159 -0.86 10.68 -24.03
N LYS B 160 0.01 11.38 -24.77
CA LYS B 160 0.91 12.35 -24.18
C LYS B 160 0.53 13.80 -24.44
N ASN B 161 -0.36 14.06 -25.41
CA ASN B 161 -0.72 15.40 -25.82
C ASN B 161 -2.06 15.77 -25.17
N TRP B 162 -2.03 16.74 -24.26
CA TRP B 162 -3.23 17.18 -23.54
C TRP B 162 -3.57 18.63 -23.86
N SER B 163 -3.32 19.04 -25.11
CA SER B 163 -3.59 20.40 -25.54
C SER B 163 -5.07 20.75 -25.53
N SER B 164 -5.96 19.74 -25.55
CA SER B 164 -7.39 19.94 -25.54
C SER B 164 -7.95 20.26 -24.16
N VAL B 165 -7.16 20.07 -23.10
CA VAL B 165 -7.67 20.22 -21.74
C VAL B 165 -7.89 21.69 -21.43
N ARG B 166 -9.07 22.00 -20.89
CA ARG B 166 -9.45 23.35 -20.51
C ARG B 166 -9.76 23.46 -19.02
N THR B 167 -9.32 22.48 -18.24
CA THR B 167 -9.60 22.36 -16.82
C THR B 167 -8.33 22.56 -16.02
N PRO B 168 -8.31 23.42 -15.01
CA PRO B 168 -7.09 23.58 -14.20
C PRO B 168 -6.60 22.25 -13.65
N THR B 169 -5.33 21.95 -13.89
CA THR B 169 -4.77 20.61 -13.64
C THR B 169 -3.49 20.72 -12.82
N LEU B 170 -3.46 19.94 -11.73
CA LEU B 170 -2.29 19.73 -10.88
C LEU B 170 -1.74 18.33 -11.16
N VAL B 171 -0.52 18.26 -11.68
CA VAL B 171 0.13 17.00 -12.03
C VAL B 171 1.11 16.65 -10.93
N VAL B 172 0.90 15.51 -10.28
CA VAL B 172 1.74 15.09 -9.16
C VAL B 172 2.56 13.89 -9.63
N GLY B 173 3.87 14.06 -9.69
CA GLY B 173 4.76 13.00 -10.08
C GLY B 173 5.49 12.44 -8.86
N ALA B 174 5.97 11.21 -9.00
CA ALA B 174 6.81 10.58 -7.99
C ALA B 174 8.23 10.45 -8.55
N GLN B 175 9.20 11.01 -7.81
CA GLN B 175 10.56 11.13 -8.34
C GLN B 175 11.14 9.80 -8.80
N LEU B 176 10.91 8.73 -8.03
CA LEU B 176 11.52 7.43 -8.34
C LEU B 176 10.53 6.45 -8.96
N ASP B 177 9.58 6.95 -9.76
CA ASP B 177 8.58 6.09 -10.38
C ASP B 177 9.18 5.35 -11.57
N THR B 178 9.15 4.02 -11.52
CA THR B 178 9.61 3.19 -12.64
C THR B 178 8.46 2.65 -13.47
N ILE B 179 7.22 2.82 -13.04
CA ILE B 179 6.05 2.33 -13.78
C ILE B 179 5.51 3.41 -14.70
N ALA B 180 5.39 4.62 -14.18
CA ALA B 180 4.95 5.80 -14.93
C ALA B 180 6.00 6.89 -14.71
N PRO B 181 7.21 6.69 -15.23
CA PRO B 181 8.29 7.65 -14.99
C PRO B 181 7.88 9.07 -15.42
N VAL B 182 8.30 10.05 -14.62
CA VAL B 182 7.79 11.40 -14.84
C VAL B 182 8.25 11.97 -16.17
N SER B 183 9.42 11.57 -16.67
CA SER B 183 9.92 12.14 -17.91
C SER B 183 8.97 11.86 -19.08
N SER B 184 8.37 10.67 -19.12
CA SER B 184 7.55 10.27 -20.26
C SER B 184 6.05 10.26 -19.96
N HIS B 185 5.66 10.44 -18.68
CA HIS B 185 4.26 10.54 -18.31
C HIS B 185 4.03 11.91 -17.68
N SER B 186 4.06 12.03 -16.36
CA SER B 186 3.68 13.26 -15.66
C SER B 186 4.21 14.55 -16.29
N GLU B 187 5.52 14.64 -16.49
CA GLU B 187 6.06 15.89 -17.01
C GLU B 187 5.67 16.10 -18.46
N ALA B 188 5.61 15.02 -19.23
CA ALA B 188 5.11 15.14 -20.59
C ALA B 188 3.69 15.67 -20.59
N PHE B 189 2.87 15.22 -19.64
CA PHE B 189 1.50 15.72 -19.56
C PHE B 189 1.48 17.21 -19.23
N TYR B 190 2.26 17.61 -18.22
CA TYR B 190 2.31 19.03 -17.86
C TYR B 190 2.74 19.87 -19.06
N ASN B 191 3.74 19.41 -19.80
CA ASN B 191 4.30 20.23 -20.87
C ASN B 191 3.34 20.38 -22.04
N SER B 192 2.43 19.42 -22.24
CA SER B 192 1.51 19.50 -23.38
C SER B 192 0.17 20.12 -23.02
N LEU B 193 -0.17 20.21 -21.72
CA LEU B 193 -1.28 21.07 -21.33
C LEU B 193 -1.01 22.46 -21.88
N PRO B 194 -2.06 23.21 -22.25
CA PRO B 194 -1.84 24.56 -22.80
C PRO B 194 -0.96 25.39 -21.88
N SER B 195 -0.03 26.14 -22.47
CA SER B 195 0.87 26.96 -21.67
C SER B 195 0.14 28.05 -20.90
N ASP B 196 -1.09 28.39 -21.30
CA ASP B 196 -1.89 29.41 -20.62
CA ASP B 196 -1.88 29.41 -20.62
C ASP B 196 -2.90 28.82 -19.65
N LEU B 197 -2.96 27.50 -19.51
CA LEU B 197 -3.85 26.89 -18.52
C LEU B 197 -3.36 27.19 -17.11
N ASP B 198 -4.31 27.30 -16.17
CA ASP B 198 -3.96 27.25 -14.74
C ASP B 198 -3.47 25.84 -14.44
N LYS B 199 -2.19 25.69 -14.14
CA LYS B 199 -1.63 24.35 -13.95
C LYS B 199 -0.39 24.41 -13.07
N ALA B 200 -0.04 23.25 -12.54
CA ALA B 200 1.19 23.10 -11.77
C ALA B 200 1.68 21.67 -11.89
N TYR B 201 3.00 21.53 -11.81
CA TYR B 201 3.66 20.23 -11.71
C TYR B 201 4.37 20.17 -10.36
N MET B 202 4.16 19.09 -9.63
CA MET B 202 4.80 18.87 -8.34
CA MET B 202 4.81 18.88 -8.33
C MET B 202 5.35 17.46 -8.29
N GLU B 203 6.65 17.33 -8.08
CA GLU B 203 7.32 16.05 -7.98
C GLU B 203 7.61 15.72 -6.52
N LEU B 204 7.22 14.52 -6.11
CA LEU B 204 7.41 14.06 -4.75
C LEU B 204 8.79 13.43 -4.59
N ARG B 205 9.62 14.02 -3.74
CA ARG B 205 10.99 13.56 -3.53
C ARG B 205 11.00 12.16 -2.91
N GLY B 206 11.82 11.29 -3.49
CA GLY B 206 12.03 9.96 -2.94
C GLY B 206 10.86 9.01 -3.04
N ALA B 207 9.83 9.34 -3.79
CA ALA B 207 8.61 8.54 -3.83
C ALA B 207 8.62 7.55 -4.99
N SER B 208 8.04 6.37 -4.74
CA SER B 208 7.87 5.36 -5.76
C SER B 208 6.45 5.47 -6.33
N HIS B 209 6.15 4.58 -7.29
CA HIS B 209 4.87 4.63 -8.00
C HIS B 209 3.67 4.51 -7.08
N LEU B 210 3.77 3.74 -5.99
CA LEU B 210 2.62 3.50 -5.15
C LEU B 210 2.53 4.45 -3.95
N VAL B 211 3.20 5.60 -4.03
CA VAL B 211 3.13 6.58 -2.94
C VAL B 211 1.70 7.00 -2.64
N SER B 212 0.81 7.03 -3.65
CA SER B 212 -0.55 7.49 -3.42
C SER B 212 -1.44 6.44 -2.76
N ASN B 213 -0.94 5.22 -2.54
CA ASN B 213 -1.76 4.13 -2.05
C ASN B 213 -1.77 4.00 -0.54
N THR B 214 -1.01 4.84 0.15
CA THR B 214 -1.10 5.01 1.59
C THR B 214 -1.07 6.52 1.84
N PRO B 215 -1.56 6.96 3.01
CA PRO B 215 -1.64 8.40 3.27
C PRO B 215 -0.30 9.09 3.07
N ASP B 216 -0.32 10.14 2.27
CA ASP B 216 0.83 10.98 2.01
C ASP B 216 0.39 12.42 2.21
N THR B 217 0.98 13.10 3.21
CA THR B 217 0.50 14.42 3.61
C THR B 217 0.76 15.46 2.53
N THR B 218 1.87 15.34 1.78
CA THR B 218 2.15 16.31 0.73
C THR B 218 1.09 16.24 -0.37
N THR B 219 0.77 15.01 -0.79
CA THR B 219 -0.29 14.80 -1.78
C THR B 219 -1.62 15.38 -1.30
N ALA B 220 -1.99 15.07 -0.06
CA ALA B 220 -3.29 15.51 0.44
C ALA B 220 -3.36 17.03 0.53
N LYS B 221 -2.32 17.66 1.09
CA LYS B 221 -2.39 19.09 1.37
C LYS B 221 -2.51 19.90 0.07
N TYR B 222 -1.77 19.52 -0.96
CA TYR B 222 -1.85 20.28 -2.20
C TYR B 222 -3.05 19.89 -3.07
N SER B 223 -3.51 18.64 -2.98
CA SER B 223 -4.78 18.29 -3.63
C SER B 223 -5.92 19.10 -3.02
N ILE B 224 -5.93 19.23 -1.70
CA ILE B 224 -6.96 20.03 -1.03
C ILE B 224 -6.86 21.49 -1.47
N ALA B 225 -5.65 22.05 -1.47
CA ALA B 225 -5.49 23.44 -1.88
C ALA B 225 -5.94 23.63 -3.32
N TRP B 226 -5.62 22.67 -4.19
CA TRP B 226 -6.00 22.77 -5.60
C TRP B 226 -7.52 22.74 -5.75
N LEU B 227 -8.17 21.78 -5.08
CA LEU B 227 -9.62 21.68 -5.19
C LEU B 227 -10.31 22.91 -4.61
N LYS B 228 -9.81 23.41 -3.47
CA LYS B 228 -10.35 24.63 -2.91
C LYS B 228 -10.23 25.79 -3.90
N ARG B 229 -9.04 25.95 -4.50
CA ARG B 229 -8.79 27.09 -5.36
C ARG B 229 -9.66 27.07 -6.60
N PHE B 230 -9.95 25.89 -7.15
CA PHE B 230 -10.56 25.79 -8.47
C PHE B 230 -11.97 25.21 -8.45
N VAL B 231 -12.33 24.38 -7.49
CA VAL B 231 -13.73 23.96 -7.37
C VAL B 231 -14.53 25.00 -6.60
N ASP B 232 -13.92 25.62 -5.59
CA ASP B 232 -14.60 26.65 -4.82
C ASP B 232 -14.21 28.08 -5.23
N ASP B 233 -13.26 28.24 -6.15
CA ASP B 233 -12.72 29.57 -6.48
C ASP B 233 -12.16 30.27 -5.23
N ASP B 234 -11.68 29.48 -4.26
CA ASP B 234 -11.35 29.99 -2.94
C ASP B 234 -9.95 30.58 -2.96
N LEU B 235 -9.86 31.91 -3.03
CA LEU B 235 -8.55 32.58 -3.14
C LEU B 235 -7.74 32.44 -1.87
N ARG B 236 -8.36 32.06 -0.74
CA ARG B 236 -7.60 31.85 0.49
C ARG B 236 -6.59 30.71 0.37
N TYR B 237 -6.71 29.86 -0.64
CA TYR B 237 -5.82 28.72 -0.79
C TYR B 237 -4.74 28.95 -1.84
N GLU B 238 -4.77 30.07 -2.55
CA GLU B 238 -3.72 30.28 -3.55
C GLU B 238 -2.35 30.42 -2.88
N GLN B 239 -2.32 30.89 -1.62
CA GLN B 239 -1.06 31.07 -0.91
C GLN B 239 -0.24 29.79 -0.81
N PHE B 240 -0.90 28.64 -0.87
CA PHE B 240 -0.19 27.36 -0.74
C PHE B 240 0.36 26.86 -2.06
N LEU B 241 -0.12 27.41 -3.19
CA LEU B 241 0.26 26.98 -4.52
C LEU B 241 1.21 27.93 -5.21
N CYS B 242 1.27 29.19 -4.76
CA CYS B 242 2.05 30.27 -5.38
C CYS B 242 2.80 30.99 -4.28
N PRO B 243 4.14 31.03 -4.30
CA PRO B 243 5.06 30.43 -5.28
C PRO B 243 5.36 28.97 -4.97
N ALA B 244 6.46 28.46 -5.51
CA ALA B 244 6.82 27.06 -5.31
C ALA B 244 6.91 26.74 -3.82
N PRO B 245 6.23 25.70 -3.36
CA PRO B 245 6.37 25.29 -1.96
C PRO B 245 7.82 24.98 -1.58
N ASP B 246 8.15 25.28 -0.33
CA ASP B 246 9.47 25.01 0.23
CA ASP B 246 9.47 25.00 0.22
C ASP B 246 9.64 23.56 0.67
N ASP B 247 8.56 22.77 0.72
CA ASP B 247 8.61 21.42 1.26
C ASP B 247 9.85 20.68 0.77
N PHE B 248 10.65 20.17 1.72
CA PHE B 248 11.69 19.22 1.32
C PHE B 248 11.10 18.01 0.62
N ALA B 249 9.82 17.72 0.86
CA ALA B 249 9.15 16.59 0.23
C ALA B 249 8.93 16.79 -1.27
N ILE B 250 9.15 18.01 -1.78
CA ILE B 250 8.92 18.34 -3.18
C ILE B 250 10.28 18.55 -3.83
N SER B 251 10.60 17.71 -4.82
CA SER B 251 11.91 17.75 -5.46
C SER B 251 11.95 18.64 -6.70
N GLU B 252 10.80 18.90 -7.32
CA GLU B 252 10.71 19.82 -8.45
C GLU B 252 9.31 20.40 -8.48
N TYR B 253 9.17 21.61 -9.02
CA TYR B 253 7.87 22.25 -9.10
CA TYR B 253 7.88 22.28 -9.07
C TYR B 253 7.91 23.33 -10.17
N ARG B 254 6.79 23.48 -10.86
CA ARG B 254 6.62 24.64 -11.74
C ARG B 254 5.14 24.85 -11.98
N SER B 255 4.79 26.10 -12.29
CA SER B 255 3.38 26.46 -12.34
C SER B 255 3.19 27.70 -13.20
N THR B 256 1.91 27.97 -13.50
CA THR B 256 1.48 29.20 -14.16
C THR B 256 0.88 30.19 -13.15
N CYS B 257 1.40 30.19 -11.92
CA CYS B 257 1.09 31.26 -10.98
C CYS B 257 1.42 32.62 -11.59
N PRO B 258 0.70 33.68 -11.19
CA PRO B 258 -0.50 33.68 -10.33
C PRO B 258 -1.73 33.24 -11.14
N PHE B 259 -2.69 32.57 -10.52
CA PHE B 259 -3.69 31.87 -11.31
C PHE B 259 -4.82 32.81 -11.74
N LEU B 260 -5.48 32.42 -12.84
CA LEU B 260 -6.52 33.24 -13.45
C LEU B 260 -7.80 33.15 -12.64
C01 UB7 C . 9.22 -0.46 -6.44
C02 UB7 C . 8.81 -0.99 -5.21
C03 UB7 C . 9.35 -2.18 -4.75
C04 UB7 C . 10.28 -2.86 -5.55
C05 UB7 C . 10.67 -2.33 -6.77
C06 UB7 C . 10.14 -1.13 -7.23
C07 UB7 C . 10.58 -0.55 -8.53
C10 UB7 C . 8.96 -2.72 -3.42
O08 UB7 C . 11.32 -1.16 -9.29
O09 UB7 C . 10.07 0.61 -8.81
O11 UB7 C . 7.70 -2.58 -3.11
O12 UB7 C . 9.79 -3.24 -2.67
H011 UB7 C . 8.77 0.48 -6.75
H021 UB7 C . 8.08 -0.45 -4.62
H041 UB7 C . 10.72 -3.80 -5.22
H051 UB7 C . 11.40 -2.87 -7.36
H1 UB7 C . 10.40 0.95 -9.68
H2 UB7 C . 7.14 -2.49 -3.92
S DMS D . 14.43 0.52 -7.32
O DMS D . 15.69 1.15 -6.84
C1 DMS D . 14.87 -0.77 -8.52
C2 DMS D . 13.55 1.70 -8.39
H11 DMS D . 15.53 -1.46 -8.07
H12 DMS D . 15.34 -0.33 -9.36
H13 DMS D . 13.99 -1.28 -8.83
H21 DMS D . 13.37 2.60 -7.85
H22 DMS D . 12.63 1.29 -8.69
H23 DMS D . 14.14 1.92 -9.24
C01 UB7 E . 0.78 0.40 -16.11
C02 UB7 E . 0.04 1.13 -15.20
C03 UB7 E . -0.10 0.70 -13.88
C04 UB7 E . 0.53 -0.48 -13.50
C05 UB7 E . 1.26 -1.22 -14.41
C06 UB7 E . 1.41 -0.80 -15.72
C07 UB7 E . 2.24 -1.56 -16.68
C10 UB7 E . -0.90 1.49 -12.89
O08 UB7 E . 2.77 -2.63 -16.38
O09 UB7 E . 2.36 -1.01 -17.86
O11 UB7 E . -0.41 1.53 -11.68
O12 UB7 E . -1.93 2.06 -13.21
H011 UB7 E . 0.87 0.76 -17.12
H021 UB7 E . -0.44 2.05 -15.52
H041 UB7 E . 0.45 -0.86 -12.47
H051 UB7 E . 1.75 -2.15 -14.09
H1 UB7 E . 2.93 -1.57 -18.46
H2 UB7 E . 0.54 1.24 -11.66
S DMS F . -1.24 -2.65 -19.24
O DMS F . -2.49 -3.15 -19.90
C1 DMS F . -0.39 -1.51 -20.38
C2 DMS F . -0.01 -3.97 -19.11
H11 DMS F . 0.45 -1.08 -19.88
H12 DMS F . -1.05 -0.74 -20.68
H13 DMS F . -0.05 -2.05 -21.22
H21 DMS F . 0.83 -3.62 -18.55
H22 DMS F . 0.32 -4.25 -20.08
H23 DMS F . -0.43 -4.80 -18.61
#